data_5DXO
#
_entry.id   5DXO
#
_cell.length_a   44.963
_cell.length_b   76.787
_cell.length_c   83.686
_cell.angle_alpha   90.000
_cell.angle_beta   94.350
_cell.angle_gamma   90.000
#
_symmetry.space_group_name_H-M   'P 1 21 1'
#
loop_
_entity.id
_entity.type
_entity.pdbx_description
1 polymer 'trehalose-6-phosphate phosphatase'
2 non-polymer 'MAGNESIUM ION'
3 water water
#
_entity_poly.entity_id   1
_entity_poly.type   'polypeptide(L)'
_entity_poly.pdbx_seq_one_letter_code
;MGTPALDRAKLLKQYRKARKRLFMFDYDGTLTPIVKDPQAAIPSDRVLRTLKTLAADPRNAVWIISGRDQAFLDEWMGHI
PELGLSAEHGCFIRQPRSDDWENLAESSDMGWQKEVMEVFQHFTERTQGSFIERKRVALTWHYRRADPEYGAFQARECRK
MLEETVAKRWEVEVMAGKANLEVRPTFVNKGFIAARLVQEYGTDPAQAPEFVLCLGDDFTDEDMFRALKKSGLPAGHVFS
VTVGASSKQTEASWHLLEPADVIGTISMLNNSSSAQEYLEHHHHHH
;
_entity_poly.pdbx_strand_id   A,B
#
# COMPACT_ATOMS: atom_id res chain seq x y z
N GLY A 2 5.43 12.81 6.94
CA GLY A 2 4.76 13.02 8.21
C GLY A 2 4.46 14.49 8.43
N THR A 3 3.44 14.77 9.24
CA THR A 3 3.08 16.14 9.60
C THR A 3 2.75 16.24 11.07
N PRO A 4 2.88 17.45 11.63
CA PRO A 4 2.34 17.72 12.97
C PRO A 4 0.82 17.74 12.99
N ALA A 5 0.24 17.39 14.13
CA ALA A 5 -1.19 17.55 14.33
C ALA A 5 -1.57 19.01 14.20
N LEU A 6 -2.71 19.28 13.58
CA LEU A 6 -3.16 20.66 13.39
C LEU A 6 -3.15 21.42 14.72
N ASP A 7 -2.43 22.54 14.76
CA ASP A 7 -2.30 23.38 15.95
C ASP A 7 -3.54 24.26 16.08
N ARG A 8 -4.50 23.83 16.90
CA ARG A 8 -5.79 24.51 17.03
C ARG A 8 -5.68 25.95 17.55
N ALA A 9 -4.66 26.21 18.36
CA ALA A 9 -4.45 27.56 18.86
C ALA A 9 -4.06 28.50 17.72
N LYS A 10 -3.13 28.04 16.89
CA LYS A 10 -2.64 28.81 15.75
C LYS A 10 -3.77 29.04 14.74
N LEU A 11 -4.59 28.01 14.53
CA LEU A 11 -5.74 28.09 13.63
C LEU A 11 -6.75 29.13 14.15
N LEU A 12 -7.09 29.04 15.43
CA LEU A 12 -8.08 29.97 15.99
C LEU A 12 -7.61 31.41 15.95
N LYS A 13 -6.31 31.63 16.14
CA LYS A 13 -5.80 33.01 16.17
C LYS A 13 -5.95 33.69 14.82
N GLN A 14 -5.60 32.97 13.76
CA GLN A 14 -5.68 33.52 12.42
C GLN A 14 -7.14 33.69 11.98
N TYR A 15 -8.01 32.75 12.37
CA TYR A 15 -9.46 32.87 12.15
C TYR A 15 -9.99 34.19 12.70
N ARG A 16 -9.66 34.45 13.97
CA ARG A 16 -10.12 35.66 14.65
C ARG A 16 -9.57 36.92 14.00
N LYS A 17 -8.33 36.86 13.51
CA LYS A 17 -7.70 38.02 12.88
C LYS A 17 -8.15 38.30 11.43
N ALA A 18 -8.57 37.28 10.69
CA ALA A 18 -8.89 37.45 9.26
C ALA A 18 -10.21 38.18 9.01
N ARG A 19 -10.23 39.11 8.05
CA ARG A 19 -11.48 39.81 7.73
C ARG A 19 -12.38 38.96 6.84
N LYS A 20 -11.80 38.22 5.91
CA LYS A 20 -12.55 37.25 5.11
C LYS A 20 -11.88 35.86 5.16
N ARG A 21 -12.67 34.79 5.04
CA ARG A 21 -12.11 33.46 5.23
C ARG A 21 -12.64 32.50 4.18
N LEU A 22 -11.80 31.56 3.79
CA LEU A 22 -12.15 30.61 2.73
C LEU A 22 -11.95 29.20 3.25
N PHE A 23 -12.99 28.36 3.09
CA PHE A 23 -12.94 26.97 3.52
C PHE A 23 -13.17 26.10 2.32
N MET A 24 -12.29 25.13 2.08
CA MET A 24 -12.48 24.17 0.99
C MET A 24 -12.42 22.76 1.57
N PHE A 25 -13.58 22.12 1.64
CA PHE A 25 -13.74 20.79 2.24
C PHE A 25 -13.97 19.71 1.16
N ASP A 26 -13.09 18.73 1.10
CA ASP A 26 -13.48 17.46 0.49
C ASP A 26 -14.68 16.87 1.25
N TYR A 27 -15.50 16.03 0.62
CA TYR A 27 -16.63 15.46 1.35
C TYR A 27 -16.32 14.07 1.93
N ASP A 28 -16.31 13.05 1.09
CA ASP A 28 -16.08 11.66 1.54
C ASP A 28 -14.69 11.43 2.15
N GLY A 29 -14.67 10.93 3.39
CA GLY A 29 -13.43 10.65 4.08
C GLY A 29 -12.87 11.84 4.82
N THR A 30 -13.55 12.97 4.71
CA THR A 30 -13.10 14.23 5.30
C THR A 30 -14.16 14.78 6.24
N LEU A 31 -15.33 15.09 5.69
CA LEU A 31 -16.43 15.56 6.52
C LEU A 31 -17.22 14.39 7.09
N THR A 32 -17.17 13.26 6.39
CA THR A 32 -17.97 12.10 6.75
C THR A 32 -17.13 10.84 6.56
N PRO A 33 -17.32 9.84 7.43
CA PRO A 33 -16.43 8.68 7.39
C PRO A 33 -16.61 7.81 6.14
N ILE A 34 -15.53 7.14 5.71
CA ILE A 34 -15.62 6.13 4.67
C ILE A 34 -16.56 5.01 5.14
N VAL A 35 -17.45 4.55 4.27
CA VAL A 35 -18.41 3.52 4.61
C VAL A 35 -18.43 2.39 3.58
N LYS A 36 -19.11 1.29 3.90
CA LYS A 36 -19.20 0.16 3.00
C LYS A 36 -20.07 0.44 1.79
N ASP A 37 -21.21 1.08 1.99
CA ASP A 37 -22.06 1.45 0.87
C ASP A 37 -22.20 2.96 0.70
N PRO A 38 -21.54 3.46 -0.44
CA PRO A 38 -21.53 4.92 -0.52
C PRO A 38 -22.85 5.65 -0.75
N GLN A 39 -23.87 5.04 -1.32
CA GLN A 39 -25.18 5.68 -1.25
C GLN A 39 -25.52 5.87 0.22
N ALA A 40 -24.85 5.10 1.06
CA ALA A 40 -24.82 5.45 2.44
C ALA A 40 -23.87 6.63 2.41
N ALA A 41 -23.54 7.20 3.53
CA ALA A 41 -22.73 8.38 3.49
C ALA A 41 -23.60 9.58 3.24
N ILE A 42 -24.88 9.46 3.58
CA ILE A 42 -25.75 10.59 3.73
C ILE A 42 -25.22 11.29 4.96
N PRO A 43 -25.10 12.68 4.85
CA PRO A 43 -24.42 13.30 5.98
C PRO A 43 -25.28 13.40 7.21
N SER A 44 -24.69 13.25 8.37
CA SER A 44 -25.41 13.30 9.64
C SER A 44 -25.95 14.70 9.89
N ASP A 45 -26.86 14.80 10.85
CA ASP A 45 -27.43 16.10 11.18
C ASP A 45 -26.37 16.98 11.83
N ARG A 46 -25.40 16.34 12.48
CA ARG A 46 -24.29 17.05 13.13
C ARG A 46 -23.36 17.71 12.10
N VAL A 47 -23.02 16.97 11.05
CA VAL A 47 -22.27 17.55 9.93
C VAL A 47 -23.03 18.74 9.29
N LEU A 48 -24.31 18.55 8.97
CA LEU A 48 -25.09 19.60 8.32
C LEU A 48 -25.22 20.85 9.20
N ARG A 49 -25.46 20.63 10.49
CA ARG A 49 -25.58 21.69 11.47
C ARG A 49 -24.25 22.46 11.61
N THR A 50 -23.16 21.73 11.59
CA THR A 50 -21.84 22.35 11.73
C THR A 50 -21.53 23.21 10.51
N LEU A 51 -21.84 22.69 9.33
CA LEU A 51 -21.63 23.44 8.10
C LEU A 51 -22.58 24.63 7.99
N LYS A 52 -23.83 24.43 8.38
CA LYS A 52 -24.80 25.53 8.34
C LYS A 52 -24.34 26.73 9.17
N THR A 53 -23.85 26.45 10.37
CA THR A 53 -23.38 27.50 11.26
C THR A 53 -22.13 28.18 10.74
N LEU A 54 -21.18 27.40 10.24
CA LEU A 54 -20.00 28.00 9.62
C LEU A 54 -20.38 28.92 8.44
N ALA A 55 -21.26 28.46 7.55
CA ALA A 55 -21.56 29.25 6.34
C ALA A 55 -22.50 30.43 6.61
N ALA A 56 -23.11 30.47 7.79
CA ALA A 56 -23.99 31.58 8.13
C ALA A 56 -23.22 32.90 8.39
N ASP A 57 -21.96 32.81 8.79
CA ASP A 57 -21.10 34.00 8.92
C ASP A 57 -20.70 34.48 7.52
N PRO A 58 -21.12 35.70 7.13
CA PRO A 58 -20.82 36.20 5.79
C PRO A 58 -19.33 36.47 5.56
N ARG A 59 -18.51 36.51 6.61
CA ARG A 59 -17.06 36.60 6.45
C ARG A 59 -16.50 35.31 5.85
N ASN A 60 -17.29 34.23 5.93
CA ASN A 60 -16.85 32.90 5.51
C ASN A 60 -17.35 32.52 4.13
N ALA A 61 -16.47 31.98 3.30
CA ALA A 61 -16.87 31.33 2.07
C ALA A 61 -16.64 29.86 2.29
N VAL A 62 -17.70 29.06 2.23
CA VAL A 62 -17.56 27.65 2.56
C VAL A 62 -17.88 26.80 1.35
N TRP A 63 -16.90 26.01 0.91
CA TRP A 63 -17.06 25.18 -0.27
C TRP A 63 -16.99 23.70 0.02
N ILE A 64 -17.87 22.93 -0.63
CA ILE A 64 -17.86 21.48 -0.58
C ILE A 64 -17.46 20.96 -1.95
N ILE A 65 -16.38 20.19 -1.98
CA ILE A 65 -15.78 19.78 -3.25
C ILE A 65 -15.82 18.26 -3.32
N SER A 66 -16.58 17.72 -4.27
CA SER A 66 -16.92 16.30 -4.23
C SER A 66 -17.04 15.66 -5.62
N GLY A 67 -16.81 14.35 -5.69
CA GLY A 67 -17.02 13.60 -6.91
C GLY A 67 -18.49 13.24 -7.10
N ARG A 68 -19.26 13.41 -6.03
CA ARG A 68 -20.69 13.09 -6.03
C ARG A 68 -21.50 13.84 -7.07
N ASP A 69 -22.54 13.19 -7.57
CA ASP A 69 -23.38 13.80 -8.60
C ASP A 69 -24.10 15.04 -8.08
N GLN A 70 -24.42 15.92 -9.01
CA GLN A 70 -25.18 17.12 -8.76
C GLN A 70 -26.44 16.84 -7.94
N ALA A 71 -27.15 15.77 -8.29
CA ALA A 71 -28.36 15.37 -7.58
C ALA A 71 -28.11 15.15 -6.08
N PHE A 72 -27.02 14.46 -5.75
CA PHE A 72 -26.68 14.19 -4.36
C PHE A 72 -26.45 15.47 -3.56
N LEU A 73 -25.49 16.29 -4.01
CA LEU A 73 -25.18 17.54 -3.32
C LEU A 73 -26.38 18.44 -3.23
N ASP A 74 -27.15 18.50 -4.31
CA ASP A 74 -28.34 19.34 -4.38
C ASP A 74 -29.33 18.97 -3.29
N GLU A 75 -29.53 17.67 -3.11
CA GLU A 75 -30.53 17.16 -2.19
C GLU A 75 -30.11 17.26 -0.73
N TRP A 76 -28.86 16.88 -0.45
CA TRP A 76 -28.42 16.79 0.94
C TRP A 76 -27.66 18.02 1.45
N MET A 77 -27.14 18.85 0.55
CA MET A 77 -26.40 20.07 0.92
C MET A 77 -27.11 21.35 0.48
N GLY A 78 -27.78 21.26 -0.66
CA GLY A 78 -28.33 22.42 -1.35
C GLY A 78 -29.34 23.21 -0.57
N HIS A 79 -29.92 22.60 0.45
CA HIS A 79 -30.86 23.29 1.33
C HIS A 79 -30.18 24.27 2.27
N ILE A 80 -28.85 24.27 2.30
CA ILE A 80 -28.06 25.31 2.95
C ILE A 80 -27.50 26.21 1.86
N PRO A 81 -28.27 27.26 1.49
CA PRO A 81 -27.91 28.03 0.29
C PRO A 81 -26.58 28.77 0.40
N GLU A 82 -26.02 28.91 1.60
CA GLU A 82 -24.76 29.65 1.76
C GLU A 82 -23.53 28.81 1.35
N LEU A 83 -23.73 27.52 1.06
CA LEU A 83 -22.61 26.65 0.72
C LEU A 83 -22.32 26.75 -0.74
N GLY A 84 -21.03 26.86 -1.08
CA GLY A 84 -20.63 26.73 -2.48
C GLY A 84 -20.47 25.24 -2.76
N LEU A 85 -20.86 24.78 -3.93
CA LEU A 85 -20.85 23.33 -4.22
C LEU A 85 -20.10 23.06 -5.50
N SER A 86 -19.26 22.05 -5.47
CA SER A 86 -18.59 21.60 -6.67
C SER A 86 -18.86 20.10 -6.77
N ALA A 87 -19.58 19.69 -7.81
CA ALA A 87 -20.02 18.31 -7.95
C ALA A 87 -19.43 17.65 -9.21
N GLU A 88 -19.43 16.33 -9.24
CA GLU A 88 -18.86 15.56 -10.35
C GLU A 88 -17.47 16.06 -10.71
N HIS A 89 -16.66 16.26 -9.68
CA HIS A 89 -15.23 16.54 -9.82
C HIS A 89 -14.93 17.88 -10.46
N GLY A 90 -15.87 18.81 -10.37
CA GLY A 90 -15.61 20.11 -10.96
C GLY A 90 -16.42 20.43 -12.20
N CYS A 91 -17.22 19.47 -12.69
CA CYS A 91 -18.03 19.69 -13.89
C CYS A 91 -19.23 20.62 -13.64
N PHE A 92 -19.76 20.61 -12.42
CA PHE A 92 -20.87 21.49 -12.06
C PHE A 92 -20.54 22.30 -10.81
N ILE A 93 -20.76 23.62 -10.86
CA ILE A 93 -20.38 24.51 -9.77
C ILE A 93 -21.58 25.37 -9.40
N ARG A 94 -21.85 25.51 -8.11
CA ARG A 94 -22.86 26.46 -7.62
C ARG A 94 -22.22 27.43 -6.63
N GLN A 95 -22.13 28.72 -6.99
CA GLN A 95 -21.56 29.71 -6.06
C GLN A 95 -22.40 29.82 -4.81
N PRO A 96 -21.79 30.17 -3.67
CA PRO A 96 -22.57 30.43 -2.46
C PRO A 96 -23.67 31.47 -2.69
N ARG A 97 -24.85 31.20 -2.15
CA ARG A 97 -26.01 32.12 -2.16
C ARG A 97 -26.56 32.32 -3.56
N SER A 98 -26.17 31.46 -4.48
CA SER A 98 -26.66 31.52 -5.82
C SER A 98 -27.47 30.27 -6.02
N ASP A 99 -28.54 30.37 -6.79
CA ASP A 99 -29.37 29.22 -7.03
C ASP A 99 -29.10 28.68 -8.40
N ASP A 100 -27.91 28.96 -8.89
CA ASP A 100 -27.61 28.84 -10.27
C ASP A 100 -26.42 27.92 -10.53
N TRP A 101 -26.65 26.69 -10.95
CA TRP A 101 -25.57 25.75 -11.27
C TRP A 101 -24.94 26.10 -12.60
N GLU A 102 -23.62 26.07 -12.66
CA GLU A 102 -22.98 26.27 -13.94
C GLU A 102 -22.39 24.96 -14.44
N ASN A 103 -22.58 24.70 -15.73
CA ASN A 103 -22.04 23.50 -16.37
C ASN A 103 -20.72 23.86 -17.06
N LEU A 104 -19.60 23.48 -16.46
CA LEU A 104 -18.32 23.89 -17.00
C LEU A 104 -17.99 23.17 -18.30
N ALA A 105 -18.57 22.00 -18.50
CA ALA A 105 -18.33 21.24 -19.71
C ALA A 105 -18.85 22.01 -20.90
N GLU A 106 -20.07 22.53 -20.76
CA GLU A 106 -20.77 23.16 -21.87
C GLU A 106 -20.29 24.57 -22.15
N SER A 107 -19.52 25.15 -21.23
CA SER A 107 -18.98 26.48 -21.44
C SER A 107 -17.51 26.47 -21.83
N SER A 108 -16.91 25.29 -21.87
CA SER A 108 -15.52 25.17 -22.28
C SER A 108 -15.39 24.58 -23.68
N ASP A 109 -14.20 24.73 -24.27
CA ASP A 109 -13.89 24.19 -25.59
C ASP A 109 -13.72 22.68 -25.45
N MET A 110 -14.67 21.91 -25.98
CA MET A 110 -14.58 20.45 -25.88
C MET A 110 -14.11 19.80 -27.18
N GLY A 111 -13.63 20.64 -28.12
CA GLY A 111 -13.15 20.15 -29.41
C GLY A 111 -12.01 19.14 -29.32
N TRP A 112 -11.35 19.10 -28.16
CA TRP A 112 -10.27 18.17 -27.93
C TRP A 112 -10.71 16.70 -27.93
N GLN A 113 -11.99 16.45 -27.67
CA GLN A 113 -12.43 15.05 -27.59
C GLN A 113 -12.35 14.31 -28.92
N LYS A 114 -12.73 14.97 -30.01
CA LYS A 114 -12.61 14.40 -31.34
C LYS A 114 -11.17 13.99 -31.69
N GLU A 115 -10.21 14.86 -31.36
CA GLU A 115 -8.80 14.59 -31.61
C GLU A 115 -8.26 13.45 -30.76
N VAL A 116 -8.64 13.44 -29.48
CA VAL A 116 -8.18 12.39 -28.61
C VAL A 116 -8.79 11.04 -29.07
N MET A 117 -10.04 11.06 -29.51
CA MET A 117 -10.68 9.81 -29.95
C MET A 117 -9.96 9.22 -31.17
N GLU A 118 -9.59 10.11 -32.09
CA GLU A 118 -8.84 9.69 -33.27
C GLU A 118 -7.50 9.07 -32.88
N VAL A 119 -6.78 9.71 -31.95
CA VAL A 119 -5.51 9.18 -31.48
C VAL A 119 -5.68 7.81 -30.82
N PHE A 120 -6.67 7.69 -29.94
CA PHE A 120 -6.93 6.44 -29.22
C PHE A 120 -7.33 5.34 -30.23
N GLN A 121 -8.09 5.71 -31.25
CA GLN A 121 -8.54 4.75 -32.28
C GLN A 121 -7.29 4.16 -32.98
N HIS A 122 -6.33 5.03 -33.29
CA HIS A 122 -5.05 4.63 -33.88
C HIS A 122 -4.30 3.60 -33.04
N PHE A 123 -4.16 3.86 -31.75
CA PHE A 123 -3.41 2.92 -30.95
C PHE A 123 -4.25 1.70 -30.58
N THR A 124 -5.57 1.85 -30.57
CA THR A 124 -6.43 0.68 -30.35
C THR A 124 -6.26 -0.32 -31.51
N GLU A 125 -6.17 0.19 -32.73
CA GLU A 125 -5.92 -0.65 -33.90
C GLU A 125 -4.57 -1.39 -33.80
N ARG A 126 -3.58 -0.79 -33.13
CA ARG A 126 -2.25 -1.39 -32.99
C ARG A 126 -2.10 -2.30 -31.78
N THR A 127 -3.05 -2.22 -30.85
CA THR A 127 -2.86 -2.85 -29.55
C THR A 127 -4.02 -3.79 -29.18
N GLN A 128 -3.94 -5.03 -29.65
CA GLN A 128 -4.95 -6.05 -29.31
C GLN A 128 -5.18 -6.14 -27.82
N GLY A 129 -6.45 -6.10 -27.41
CA GLY A 129 -6.79 -6.18 -26.00
C GLY A 129 -7.20 -4.84 -25.42
N SER A 130 -6.88 -3.76 -26.13
CA SER A 130 -7.15 -2.42 -25.62
C SER A 130 -8.51 -1.95 -26.06
N PHE A 131 -9.04 -0.94 -25.38
CA PHE A 131 -10.33 -0.39 -25.78
C PHE A 131 -10.47 1.01 -25.21
N ILE A 132 -11.43 1.75 -25.75
CA ILE A 132 -11.70 3.13 -25.32
C ILE A 132 -12.93 3.21 -24.42
N GLU A 133 -12.85 3.98 -23.34
CA GLU A 133 -14.02 4.26 -22.50
C GLU A 133 -14.29 5.76 -22.46
N ARG A 134 -15.49 6.16 -22.77
CA ARG A 134 -15.83 7.55 -22.70
C ARG A 134 -16.70 7.82 -21.49
N LYS A 135 -16.39 8.86 -20.75
CA LYS A 135 -17.24 9.34 -19.67
C LYS A 135 -17.66 10.70 -20.12
N ARG A 136 -18.39 11.45 -19.31
CA ARG A 136 -18.98 12.69 -19.86
C ARG A 136 -18.00 13.77 -20.17
N VAL A 137 -16.96 13.86 -19.38
CA VAL A 137 -15.89 14.80 -19.72
C VAL A 137 -14.52 14.12 -19.98
N ALA A 138 -14.28 12.94 -19.44
CA ALA A 138 -13.00 12.28 -19.64
C ALA A 138 -13.06 11.13 -20.66
N LEU A 139 -11.94 10.94 -21.37
CA LEU A 139 -11.72 9.81 -22.29
C LEU A 139 -10.53 8.96 -21.84
N THR A 140 -10.72 7.65 -21.82
CA THR A 140 -9.71 6.77 -21.29
C THR A 140 -9.41 5.64 -22.24
N TRP A 141 -8.13 5.38 -22.45
CA TRP A 141 -7.69 4.25 -23.24
C TRP A 141 -7.16 3.16 -22.30
N HIS A 142 -7.83 2.02 -22.29
CA HIS A 142 -7.48 0.93 -21.37
C HIS A 142 -6.67 -0.12 -22.13
N TYR A 143 -5.55 -0.58 -21.58
CA TYR A 143 -4.77 -1.60 -22.31
C TYR A 143 -4.29 -2.73 -21.40
N ARG A 144 -4.94 -2.88 -20.25
CA ARG A 144 -4.57 -3.96 -19.32
C ARG A 144 -4.53 -5.34 -19.98
N ARG A 145 -5.29 -5.55 -21.05
CA ARG A 145 -5.38 -6.90 -21.64
C ARG A 145 -4.30 -7.22 -22.68
N ALA A 146 -3.48 -6.24 -23.04
CA ALA A 146 -2.35 -6.52 -23.92
C ALA A 146 -1.19 -7.06 -23.10
N ASP A 147 -0.19 -7.64 -23.77
CA ASP A 147 1.05 -7.95 -23.07
C ASP A 147 1.58 -6.69 -22.41
N PRO A 148 1.99 -6.79 -21.14
CA PRO A 148 2.39 -5.59 -20.40
C PRO A 148 3.50 -4.79 -21.10
N GLU A 149 4.54 -5.47 -21.58
CA GLU A 149 5.63 -4.79 -22.28
C GLU A 149 5.17 -4.09 -23.57
N TYR A 150 4.40 -4.79 -24.40
CA TYR A 150 3.99 -4.22 -25.67
C TYR A 150 2.95 -3.13 -25.41
N GLY A 151 2.13 -3.34 -24.39
CA GLY A 151 1.15 -2.36 -23.98
C GLY A 151 1.79 -1.04 -23.57
N ALA A 152 2.82 -1.12 -22.74
CA ALA A 152 3.52 0.08 -22.25
C ALA A 152 4.30 0.75 -23.37
N PHE A 153 4.84 -0.04 -24.30
CA PHE A 153 5.47 0.50 -25.50
C PHE A 153 4.49 1.40 -26.28
N GLN A 154 3.29 0.90 -26.57
CA GLN A 154 2.31 1.69 -27.30
C GLN A 154 1.79 2.86 -26.44
N ALA A 155 1.63 2.66 -25.13
CA ALA A 155 1.19 3.74 -24.25
C ALA A 155 2.20 4.90 -24.20
N ARG A 156 3.49 4.57 -24.29
CA ARG A 156 4.49 5.65 -24.35
C ARG A 156 4.33 6.46 -25.64
N GLU A 157 4.07 5.79 -26.75
CA GLU A 157 3.92 6.47 -28.03
C GLU A 157 2.64 7.31 -28.09
N CYS A 158 1.57 6.78 -27.50
CA CYS A 158 0.30 7.46 -27.45
C CYS A 158 0.37 8.75 -26.61
N ARG A 159 0.98 8.65 -25.43
CA ARG A 159 1.11 9.79 -24.54
C ARG A 159 1.88 10.92 -25.24
N LYS A 160 3.00 10.55 -25.86
CA LYS A 160 3.84 11.48 -26.61
C LYS A 160 3.05 12.21 -27.69
N MET A 161 2.29 11.45 -28.47
CA MET A 161 1.43 12.04 -29.50
C MET A 161 0.42 13.01 -28.87
N LEU A 162 -0.17 12.64 -27.74
CA LEU A 162 -1.18 13.50 -27.11
C LEU A 162 -0.54 14.79 -26.57
N GLU A 163 0.58 14.66 -25.88
CA GLU A 163 1.23 15.78 -25.20
C GLU A 163 1.73 16.85 -26.17
N GLU A 164 2.22 16.39 -27.31
CA GLU A 164 2.81 17.27 -28.31
C GLU A 164 1.79 17.90 -29.27
N THR A 165 0.61 17.32 -29.36
CA THR A 165 -0.41 17.89 -30.23
C THR A 165 -1.59 18.45 -29.44
N VAL A 166 -2.46 17.55 -28.97
CA VAL A 166 -3.70 17.91 -28.27
C VAL A 166 -3.52 18.81 -27.05
N ALA A 167 -2.52 18.50 -26.23
CA ALA A 167 -2.37 19.17 -24.93
C ALA A 167 -1.73 20.54 -25.06
N LYS A 168 -1.23 20.84 -26.26
CA LYS A 168 -0.73 22.17 -26.59
C LYS A 168 -1.85 23.09 -27.07
N ARG A 169 -2.82 22.51 -27.78
CA ARG A 169 -3.92 23.31 -28.31
C ARG A 169 -5.07 23.48 -27.33
N TRP A 170 -5.34 22.46 -26.51
CA TRP A 170 -6.47 22.53 -25.58
C TRP A 170 -6.06 22.45 -24.11
N GLU A 171 -6.89 23.05 -23.25
CA GLU A 171 -6.67 23.02 -21.82
C GLU A 171 -7.10 21.68 -21.23
N VAL A 172 -6.29 20.66 -21.46
CA VAL A 172 -6.56 19.32 -20.98
C VAL A 172 -5.30 18.79 -20.33
N GLU A 173 -5.46 17.71 -19.56
CA GLU A 173 -4.34 17.02 -18.97
C GLU A 173 -4.31 15.55 -19.43
N VAL A 174 -3.11 15.06 -19.67
CA VAL A 174 -2.90 13.67 -20.04
C VAL A 174 -2.37 12.91 -18.83
N MET A 175 -3.16 11.95 -18.35
CA MET A 175 -2.90 11.23 -17.11
C MET A 175 -2.63 9.76 -17.34
N ALA A 176 -1.56 9.24 -16.76
CA ALA A 176 -1.32 7.80 -16.83
C ALA A 176 -1.82 7.13 -15.56
N GLY A 177 -2.70 6.15 -15.72
CA GLY A 177 -3.16 5.35 -14.61
C GLY A 177 -2.40 4.05 -14.66
N LYS A 178 -2.94 2.99 -14.06
CA LYS A 178 -2.22 1.72 -13.91
C LYS A 178 -1.83 1.15 -15.27
N ALA A 179 -2.84 0.77 -16.04
CA ALA A 179 -2.63 0.33 -17.42
C ALA A 179 -3.61 1.07 -18.29
N ASN A 180 -3.60 2.39 -18.20
CA ASN A 180 -4.47 3.21 -19.01
C ASN A 180 -3.94 4.63 -19.18
N LEU A 181 -4.42 5.30 -20.21
CA LEU A 181 -4.20 6.72 -20.38
C LEU A 181 -5.55 7.42 -20.38
N GLU A 182 -5.68 8.46 -19.56
CA GLU A 182 -6.89 9.27 -19.52
C GLU A 182 -6.62 10.71 -19.90
N VAL A 183 -7.50 11.29 -20.70
CA VAL A 183 -7.44 12.71 -21.00
C VAL A 183 -8.67 13.39 -20.44
N ARG A 184 -8.48 14.52 -19.78
CA ARG A 184 -9.58 15.22 -19.13
C ARG A 184 -9.30 16.70 -19.05
N PRO A 185 -10.36 17.54 -19.01
CA PRO A 185 -10.11 18.97 -18.93
C PRO A 185 -9.39 19.33 -17.63
N THR A 186 -8.60 20.39 -17.63
CA THR A 186 -7.91 20.78 -16.42
C THR A 186 -8.90 21.15 -15.30
N PHE A 187 -10.15 21.51 -15.63
CA PHE A 187 -11.06 22.02 -14.59
C PHE A 187 -11.56 20.91 -13.67
N VAL A 188 -11.20 19.67 -13.99
CA VAL A 188 -11.58 18.52 -13.19
C VAL A 188 -10.52 18.21 -12.11
N ASN A 189 -9.39 18.89 -12.19
CA ASN A 189 -8.30 18.71 -11.23
C ASN A 189 -8.59 19.53 -9.96
N LYS A 190 -8.60 18.89 -8.78
CA LYS A 190 -8.93 19.60 -7.54
C LYS A 190 -8.01 20.79 -7.27
N GLY A 191 -6.75 20.72 -7.73
CA GLY A 191 -5.84 21.85 -7.59
C GLY A 191 -6.22 23.05 -8.46
N PHE A 192 -6.74 22.76 -9.65
CA PHE A 192 -7.29 23.81 -10.50
C PHE A 192 -8.46 24.50 -9.80
N ILE A 193 -9.36 23.71 -9.24
CA ILE A 193 -10.53 24.23 -8.53
C ILE A 193 -10.08 25.13 -7.38
N ALA A 194 -9.15 24.63 -6.58
CA ALA A 194 -8.63 25.39 -5.43
C ALA A 194 -7.99 26.70 -5.89
N ALA A 195 -7.11 26.67 -6.89
CA ALA A 195 -6.46 27.88 -7.35
C ALA A 195 -7.49 28.89 -7.87
N ARG A 196 -8.53 28.39 -8.54
CA ARG A 196 -9.57 29.25 -9.11
C ARG A 196 -10.41 29.95 -8.03
N LEU A 197 -10.68 29.22 -6.96
CA LEU A 197 -11.44 29.79 -5.86
C LEU A 197 -10.66 30.95 -5.23
N VAL A 198 -9.34 30.82 -5.16
CA VAL A 198 -8.49 31.89 -4.63
C VAL A 198 -8.44 33.06 -5.63
N GLN A 199 -8.29 32.71 -6.90
CA GLN A 199 -8.22 33.71 -7.97
C GLN A 199 -9.49 34.55 -8.10
N GLU A 200 -10.64 33.96 -7.76
CA GLU A 200 -11.95 34.62 -7.90
C GLU A 200 -12.13 35.82 -6.99
N TYR A 201 -11.24 35.95 -6.02
CA TYR A 201 -11.27 37.11 -5.12
C TYR A 201 -10.78 38.34 -5.85
N GLY A 202 -10.10 38.15 -6.95
CA GLY A 202 -9.67 39.25 -7.76
C GLY A 202 -8.20 39.54 -7.66
N THR A 203 -7.78 40.55 -8.39
CA THR A 203 -6.39 40.89 -8.49
C THR A 203 -5.94 41.79 -7.35
N ASP A 204 -6.87 42.46 -6.69
CA ASP A 204 -6.52 43.33 -5.58
C ASP A 204 -6.03 42.50 -4.41
N PRO A 205 -4.73 42.57 -4.15
CA PRO A 205 -4.17 41.75 -3.07
C PRO A 205 -4.81 42.01 -1.70
N ALA A 206 -5.35 43.21 -1.49
CA ALA A 206 -6.05 43.53 -0.25
C ALA A 206 -7.36 42.73 -0.11
N GLN A 207 -7.79 42.14 -1.23
CA GLN A 207 -9.06 41.43 -1.28
C GLN A 207 -8.90 39.91 -1.12
N ALA A 208 -7.66 39.42 -1.09
CA ALA A 208 -7.42 38.00 -0.87
C ALA A 208 -7.82 37.57 0.56
N PRO A 209 -8.44 36.39 0.71
CA PRO A 209 -8.82 35.92 2.05
C PRO A 209 -7.59 35.79 2.95
N GLU A 210 -7.74 36.16 4.22
CA GLU A 210 -6.61 36.12 5.13
C GLU A 210 -6.64 34.89 6.02
N PHE A 211 -7.56 33.98 5.73
CA PHE A 211 -7.61 32.68 6.39
C PHE A 211 -8.10 31.70 5.34
N VAL A 212 -7.34 30.63 5.12
CA VAL A 212 -7.77 29.57 4.21
C VAL A 212 -7.56 28.22 4.88
N LEU A 213 -8.63 27.43 4.99
CA LEU A 213 -8.54 26.07 5.53
C LEU A 213 -8.95 25.12 4.43
N CYS A 214 -8.03 24.24 4.07
CA CYS A 214 -8.25 23.30 2.98
C CYS A 214 -8.05 21.88 3.51
N LEU A 215 -9.09 21.06 3.41
CA LEU A 215 -9.08 19.73 4.03
C LEU A 215 -9.43 18.59 3.07
N GLY A 216 -8.66 17.51 3.10
CA GLY A 216 -8.96 16.36 2.24
C GLY A 216 -8.20 15.13 2.70
N ASP A 217 -8.62 13.95 2.25
CA ASP A 217 -8.12 12.69 2.82
C ASP A 217 -7.33 11.81 1.86
N ASP A 218 -7.37 12.06 0.55
CA ASP A 218 -6.56 11.17 -0.30
C ASP A 218 -5.75 11.87 -1.36
N PHE A 219 -5.30 11.08 -2.33
CA PHE A 219 -4.36 11.57 -3.31
C PHE A 219 -4.95 12.66 -4.21
N THR A 220 -6.26 12.69 -4.37
CA THR A 220 -6.87 13.74 -5.21
C THR A 220 -6.83 15.12 -4.54
N ASP A 221 -6.79 15.10 -3.22
CA ASP A 221 -6.70 16.33 -2.43
C ASP A 221 -5.30 16.92 -2.38
N GLU A 222 -4.29 16.06 -2.51
CA GLU A 222 -2.91 16.52 -2.59
C GLU A 222 -2.73 17.64 -3.62
N ASP A 223 -3.48 17.54 -4.71
CA ASP A 223 -3.47 18.59 -5.74
C ASP A 223 -3.86 19.96 -5.19
N MET A 224 -4.84 20.01 -4.29
CA MET A 224 -5.23 21.28 -3.69
C MET A 224 -4.09 21.83 -2.83
N PHE A 225 -3.48 20.97 -2.01
CA PHE A 225 -2.43 21.39 -1.09
C PHE A 225 -1.30 22.02 -1.89
N ARG A 226 -0.91 21.35 -2.97
CA ARG A 226 0.18 21.84 -3.83
C ARG A 226 -0.20 23.17 -4.48
N ALA A 227 -1.43 23.27 -4.98
CA ALA A 227 -1.91 24.51 -5.57
C ALA A 227 -1.81 25.67 -4.58
N LEU A 228 -2.17 25.43 -3.33
CA LEU A 228 -2.16 26.53 -2.35
C LEU A 228 -0.73 27.00 -2.06
N LYS A 229 0.22 26.07 -2.09
CA LYS A 229 1.62 26.41 -1.88
C LYS A 229 2.11 27.40 -2.92
N LYS A 230 1.53 27.35 -4.11
CA LYS A 230 1.96 28.20 -5.23
C LYS A 230 1.04 29.40 -5.44
N SER A 231 0.17 29.64 -4.48
CA SER A 231 -0.90 30.63 -4.64
C SER A 231 -0.43 32.06 -4.41
N GLY A 232 0.68 32.22 -3.68
CA GLY A 232 1.17 33.55 -3.35
C GLY A 232 0.60 34.10 -2.05
N LEU A 233 -0.30 33.36 -1.41
CA LEU A 233 -0.79 33.77 -0.10
C LEU A 233 0.30 33.62 0.94
N PRO A 234 0.36 34.55 1.92
CA PRO A 234 1.23 34.38 3.08
C PRO A 234 1.02 33.02 3.74
N ALA A 235 2.13 32.32 4.06
CA ALA A 235 2.05 30.95 4.57
C ALA A 235 1.25 30.84 5.87
N GLY A 236 1.36 31.85 6.74
CA GLY A 236 0.66 31.86 8.00
C GLY A 236 -0.85 32.06 7.86
N HIS A 237 -1.31 32.35 6.64
CA HIS A 237 -2.74 32.54 6.41
C HIS A 237 -3.40 31.25 5.91
N VAL A 238 -2.58 30.27 5.51
CA VAL A 238 -3.11 29.09 4.83
C VAL A 238 -2.85 27.83 5.64
N PHE A 239 -3.90 27.05 5.89
CA PHE A 239 -3.79 25.79 6.61
C PHE A 239 -4.26 24.64 5.73
N SER A 240 -3.32 23.92 5.13
CA SER A 240 -3.65 22.75 4.34
C SER A 240 -3.52 21.54 5.25
N VAL A 241 -4.61 20.81 5.38
CA VAL A 241 -4.68 19.74 6.36
C VAL A 241 -5.14 18.42 5.75
N THR A 242 -4.33 17.37 5.86
CA THR A 242 -4.76 16.05 5.40
C THR A 242 -5.44 15.32 6.54
N VAL A 243 -6.39 14.48 6.20
CA VAL A 243 -7.05 13.64 7.17
C VAL A 243 -6.42 12.25 7.10
N GLY A 244 -5.72 11.88 8.15
CA GLY A 244 -5.00 10.61 8.13
C GLY A 244 -3.97 10.57 9.23
N ALA A 245 -3.08 9.59 9.14
CA ALA A 245 -2.12 9.34 10.23
C ALA A 245 -0.98 10.35 10.24
N SER A 246 -0.38 10.55 11.41
CA SER A 246 0.78 11.40 11.58
C SER A 246 1.95 11.03 10.65
N SER A 247 1.96 9.78 10.20
CA SER A 247 3.05 9.23 9.41
C SER A 247 2.77 9.34 7.91
N LYS A 248 1.57 9.82 7.56
CA LYS A 248 1.18 9.93 6.16
C LYS A 248 2.02 10.95 5.38
N GLN A 249 2.61 10.50 4.26
CA GLN A 249 3.31 11.41 3.34
C GLN A 249 2.28 12.28 2.61
N THR A 250 2.50 13.58 2.62
CA THR A 250 1.49 14.49 2.09
C THR A 250 2.14 15.80 1.74
N GLU A 251 1.48 16.58 0.87
CA GLU A 251 1.86 17.96 0.60
C GLU A 251 1.20 18.92 1.61
N ALA A 252 0.31 18.39 2.45
CA ALA A 252 -0.32 19.19 3.50
C ALA A 252 0.72 19.55 4.55
N SER A 253 0.41 20.57 5.35
CA SER A 253 1.29 21.03 6.42
C SER A 253 0.91 20.43 7.77
N TRP A 254 -0.31 19.91 7.85
CA TRP A 254 -0.92 19.46 9.11
C TRP A 254 -1.73 18.21 8.87
N HIS A 255 -2.07 17.49 9.93
CA HIS A 255 -3.05 16.41 9.81
C HIS A 255 -4.08 16.47 10.92
N LEU A 256 -5.22 15.86 10.64
CA LEU A 256 -6.26 15.53 11.61
C LEU A 256 -6.55 14.05 11.40
N LEU A 257 -6.69 13.29 12.48
CA LEU A 257 -6.71 11.83 12.34
C LEU A 257 -7.98 11.30 11.64
N GLU A 258 -9.12 11.90 11.94
CA GLU A 258 -10.42 11.35 11.54
C GLU A 258 -11.46 12.44 11.18
N PRO A 259 -12.50 12.09 10.41
CA PRO A 259 -13.58 13.06 10.16
C PRO A 259 -14.21 13.61 11.44
N ALA A 260 -14.26 12.84 12.53
CA ALA A 260 -14.80 13.38 13.79
C ALA A 260 -13.94 14.54 14.29
N ASP A 261 -12.63 14.47 14.06
CA ASP A 261 -11.74 15.53 14.49
C ASP A 261 -11.86 16.77 13.61
N VAL A 262 -12.20 16.54 12.34
CA VAL A 262 -12.50 17.64 11.43
C VAL A 262 -13.73 18.39 11.89
N ILE A 263 -14.80 17.66 12.15
CA ILE A 263 -16.04 18.28 12.60
C ILE A 263 -15.80 18.98 13.94
N GLY A 264 -14.97 18.38 14.79
CA GLY A 264 -14.64 18.98 16.08
C GLY A 264 -13.89 20.29 15.95
N THR A 265 -12.99 20.36 14.97
CA THR A 265 -12.24 21.60 14.69
C THR A 265 -13.15 22.72 14.17
N ILE A 266 -14.05 22.37 13.25
CA ILE A 266 -14.98 23.38 12.74
C ILE A 266 -15.90 23.88 13.87
N SER A 267 -16.34 22.97 14.72
CA SER A 267 -17.19 23.35 15.85
C SER A 267 -16.48 24.34 16.78
N MET A 268 -15.17 24.19 16.94
CA MET A 268 -14.41 25.12 17.77
C MET A 268 -14.49 26.52 17.18
N LEU A 269 -14.27 26.60 15.87
CA LEU A 269 -14.37 27.86 15.17
C LEU A 269 -15.77 28.46 15.28
N ASN A 270 -16.81 27.61 15.19
CA ASN A 270 -18.19 28.08 15.32
C ASN A 270 -18.49 28.64 16.71
N ASN A 271 -17.72 28.19 17.70
CA ASN A 271 -17.90 28.60 19.09
C ASN A 271 -16.85 29.64 19.51
N SER A 272 -16.26 30.29 18.52
CA SER A 272 -15.21 31.28 18.75
C SER A 272 -15.65 32.46 19.65
N SER A 273 -16.95 32.80 19.59
CA SER A 273 -17.51 34.00 20.21
C SER A 273 -17.04 34.26 21.65
N GLY B 2 23.34 -21.73 22.71
CA GLY B 2 22.63 -20.74 23.48
C GLY B 2 22.94 -19.32 23.03
N THR B 3 22.03 -18.40 23.31
CA THR B 3 22.21 -16.98 22.97
C THR B 3 21.87 -16.08 24.13
N PRO B 4 22.41 -14.86 24.12
CA PRO B 4 21.94 -13.85 25.07
C PRO B 4 20.50 -13.43 24.76
N ALA B 5 19.69 -13.18 25.79
CA ALA B 5 18.37 -12.58 25.62
C ALA B 5 18.51 -11.27 24.85
N LEU B 6 17.55 -10.98 23.98
CA LEU B 6 17.61 -9.78 23.13
C LEU B 6 17.75 -8.51 23.94
N ASP B 7 18.71 -7.68 23.55
CA ASP B 7 18.98 -6.41 24.21
C ASP B 7 18.08 -5.32 23.64
N ARG B 8 16.99 -5.02 24.34
CA ARG B 8 16.04 -4.00 23.90
C ARG B 8 16.73 -2.67 23.64
N ALA B 9 17.67 -2.34 24.52
CA ALA B 9 18.42 -1.09 24.43
C ALA B 9 19.22 -0.98 23.13
N LYS B 10 20.04 -1.99 22.82
CA LYS B 10 20.78 -2.01 21.58
C LYS B 10 19.85 -1.99 20.36
N LEU B 11 18.76 -2.75 20.45
CA LEU B 11 17.77 -2.80 19.38
C LEU B 11 17.24 -1.41 19.08
N LEU B 12 16.67 -0.78 20.10
CA LEU B 12 16.04 0.53 19.97
C LEU B 12 17.05 1.58 19.48
N LYS B 13 18.27 1.51 19.99
CA LYS B 13 19.30 2.46 19.58
C LYS B 13 19.55 2.39 18.07
N GLN B 14 19.74 1.18 17.54
CA GLN B 14 19.97 1.04 16.11
C GLN B 14 18.73 1.33 15.27
N TYR B 15 17.55 0.97 15.79
CA TYR B 15 16.27 1.29 15.15
C TYR B 15 16.18 2.79 14.87
N ARG B 16 16.54 3.58 15.87
CA ARG B 16 16.51 5.04 15.78
C ARG B 16 17.49 5.62 14.75
N LYS B 17 18.63 4.96 14.54
CA LYS B 17 19.67 5.46 13.64
C LYS B 17 19.41 5.16 12.16
N ALA B 18 18.77 4.03 11.90
CA ALA B 18 18.61 3.57 10.53
C ALA B 18 17.66 4.42 9.68
N ARG B 19 18.11 4.75 8.48
CA ARG B 19 17.29 5.39 7.48
C ARG B 19 16.16 4.49 6.98
N LYS B 20 16.52 3.22 6.79
CA LYS B 20 15.61 2.23 6.28
C LYS B 20 15.68 1.03 7.19
N ARG B 21 14.55 0.39 7.40
CA ARG B 21 14.46 -0.77 8.30
C ARG B 21 13.77 -1.90 7.56
N LEU B 22 14.20 -3.12 7.84
CA LEU B 22 13.60 -4.32 7.25
C LEU B 22 13.17 -5.28 8.36
N PHE B 23 11.94 -5.74 8.30
CA PHE B 23 11.43 -6.67 9.31
C PHE B 23 11.00 -7.92 8.58
N MET B 24 11.53 -9.08 8.99
CA MET B 24 11.07 -10.34 8.43
C MET B 24 10.56 -11.25 9.55
N PHE B 25 9.26 -11.48 9.57
CA PHE B 25 8.61 -12.23 10.65
C PHE B 25 8.07 -13.54 10.10
N ASP B 26 8.50 -14.65 10.68
CA ASP B 26 7.77 -15.91 10.60
C ASP B 26 6.44 -15.71 11.29
N TYR B 27 5.39 -16.43 10.90
CA TYR B 27 4.11 -16.25 11.58
C TYR B 27 3.91 -17.26 12.72
N ASP B 28 3.71 -18.53 12.39
CA ASP B 28 3.34 -19.49 13.43
C ASP B 28 4.47 -19.77 14.42
N GLY B 29 4.16 -19.61 15.70
CA GLY B 29 5.12 -19.83 16.76
C GLY B 29 6.05 -18.67 16.98
N THR B 30 5.86 -17.61 16.19
CA THR B 30 6.72 -16.44 16.32
C THR B 30 5.86 -15.22 16.67
N LEU B 31 4.86 -14.95 15.85
CA LEU B 31 3.96 -13.83 16.18
C LEU B 31 2.77 -14.33 16.98
N THR B 32 2.50 -15.63 16.86
CA THR B 32 1.36 -16.24 17.56
C THR B 32 1.80 -17.59 18.17
N PRO B 33 1.18 -18.00 19.30
CA PRO B 33 1.60 -19.27 19.91
C PRO B 33 1.29 -20.50 19.07
N ILE B 34 2.11 -21.55 19.20
CA ILE B 34 1.84 -22.83 18.58
C ILE B 34 0.57 -23.46 19.15
N VAL B 35 -0.39 -23.80 18.29
CA VAL B 35 -1.64 -24.44 18.73
C VAL B 35 -1.90 -25.73 17.96
N LYS B 36 -2.77 -26.59 18.49
CA LYS B 36 -3.00 -27.90 17.86
C LYS B 36 -3.84 -27.84 16.57
N ASP B 37 -4.97 -27.15 16.61
CA ASP B 37 -5.90 -27.15 15.48
C ASP B 37 -5.68 -25.96 14.54
N PRO B 38 -5.73 -26.21 13.21
CA PRO B 38 -5.39 -25.30 12.11
C PRO B 38 -5.77 -23.83 12.30
N GLN B 39 -7.07 -23.53 12.35
CA GLN B 39 -7.51 -22.14 12.44
C GLN B 39 -7.71 -21.66 13.86
N ALA B 40 -6.95 -22.22 14.80
CA ALA B 40 -6.93 -21.68 16.15
C ALA B 40 -5.79 -20.67 16.27
N ALA B 41 -5.05 -20.49 15.17
CA ALA B 41 -3.91 -19.56 15.13
C ALA B 41 -4.29 -18.27 14.40
N ILE B 42 -5.56 -17.89 14.57
CA ILE B 42 -6.08 -16.59 14.14
C ILE B 42 -5.33 -15.49 14.88
N PRO B 43 -4.90 -14.44 14.17
CA PRO B 43 -4.13 -13.46 14.94
C PRO B 43 -5.01 -12.62 15.86
N SER B 44 -4.52 -12.33 17.06
CA SER B 44 -5.24 -11.47 17.99
C SER B 44 -5.18 -10.01 17.53
N ASP B 45 -6.03 -9.18 18.12
CA ASP B 45 -6.06 -7.78 17.82
C ASP B 45 -4.73 -7.18 18.18
N ARG B 46 -4.13 -7.67 19.24
CA ARG B 46 -2.84 -7.17 19.65
C ARG B 46 -1.79 -7.39 18.55
N VAL B 47 -1.78 -8.56 17.95
CA VAL B 47 -0.82 -8.81 16.87
C VAL B 47 -1.14 -7.92 15.67
N LEU B 48 -2.40 -7.83 15.32
CA LEU B 48 -2.75 -7.07 14.13
C LEU B 48 -2.48 -5.57 14.30
N ARG B 49 -2.73 -5.02 15.48
CA ARG B 49 -2.55 -3.59 15.70
C ARG B 49 -1.08 -3.21 15.82
N THR B 50 -0.29 -4.06 16.47
CA THR B 50 1.13 -3.85 16.57
C THR B 50 1.77 -3.86 15.17
N LEU B 51 1.38 -4.79 14.32
CA LEU B 51 1.90 -4.83 12.94
C LEU B 51 1.45 -3.65 12.10
N LYS B 52 0.18 -3.26 12.27
CA LYS B 52 -0.36 -2.12 11.53
C LYS B 52 0.45 -0.87 11.85
N THR B 53 0.72 -0.67 13.13
CA THR B 53 1.46 0.50 13.59
C THR B 53 2.91 0.47 13.09
N LEU B 54 3.50 -0.72 13.07
CA LEU B 54 4.86 -0.85 12.60
C LEU B 54 4.94 -0.53 11.11
N ALA B 55 3.98 -1.04 10.35
CA ALA B 55 4.00 -0.95 8.91
C ALA B 55 3.57 0.43 8.43
N ALA B 56 3.01 1.23 9.33
CA ALA B 56 2.53 2.59 9.01
C ALA B 56 3.69 3.56 8.75
N ASP B 57 4.83 3.30 9.37
CA ASP B 57 6.03 4.11 9.19
C ASP B 57 6.72 3.76 7.86
N PRO B 58 6.76 4.71 6.92
CA PRO B 58 7.33 4.45 5.58
C PRO B 58 8.83 4.13 5.58
N ARG B 59 9.51 4.30 6.70
CA ARG B 59 10.89 3.84 6.79
C ARG B 59 10.96 2.32 6.93
N ASN B 60 9.84 1.69 7.25
CA ASN B 60 9.84 0.27 7.58
C ASN B 60 9.33 -0.56 6.42
N ALA B 61 9.99 -1.68 6.16
CA ALA B 61 9.45 -2.66 5.24
C ALA B 61 9.19 -3.90 6.08
N VAL B 62 7.93 -4.32 6.14
CA VAL B 62 7.51 -5.33 7.10
C VAL B 62 6.94 -6.51 6.33
N TRP B 63 7.59 -7.65 6.50
CA TRP B 63 7.26 -8.85 5.77
C TRP B 63 6.77 -9.96 6.70
N ILE B 64 5.71 -10.62 6.30
CA ILE B 64 5.20 -11.78 7.01
C ILE B 64 5.48 -12.99 6.13
N ILE B 65 6.18 -13.99 6.68
CA ILE B 65 6.64 -15.11 5.85
C ILE B 65 6.09 -16.40 6.45
N SER B 66 5.19 -17.06 5.72
CA SER B 66 4.38 -18.11 6.30
C SER B 66 4.09 -19.25 5.33
N GLY B 67 3.84 -20.44 5.86
CA GLY B 67 3.41 -21.55 5.05
C GLY B 67 1.91 -21.51 4.79
N ARG B 68 1.21 -20.62 5.46
CA ARG B 68 -0.25 -20.64 5.31
C ARG B 68 -0.74 -20.16 3.96
N ASP B 69 -1.97 -20.52 3.64
CA ASP B 69 -2.61 -20.19 2.38
C ASP B 69 -2.73 -18.70 2.10
N GLN B 70 -2.78 -18.38 0.82
CA GLN B 70 -3.12 -17.08 0.29
C GLN B 70 -4.40 -16.55 0.95
N ALA B 71 -5.39 -17.44 1.07
CA ALA B 71 -6.70 -17.11 1.64
C ALA B 71 -6.61 -16.63 3.08
N PHE B 72 -5.80 -17.32 3.87
CA PHE B 72 -5.61 -16.97 5.28
C PHE B 72 -4.94 -15.61 5.44
N LEU B 73 -3.79 -15.43 4.80
CA LEU B 73 -3.04 -14.19 4.97
C LEU B 73 -3.85 -13.01 4.46
N ASP B 74 -4.62 -13.22 3.39
CA ASP B 74 -5.37 -12.12 2.80
C ASP B 74 -6.48 -11.71 3.75
N GLU B 75 -7.22 -12.71 4.24
CA GLU B 75 -8.30 -12.52 5.21
C GLU B 75 -7.86 -11.75 6.44
N TRP B 76 -6.75 -12.15 7.05
CA TRP B 76 -6.38 -11.61 8.34
C TRP B 76 -5.41 -10.43 8.29
N MET B 77 -4.49 -10.41 7.33
CA MET B 77 -3.50 -9.33 7.29
C MET B 77 -3.53 -8.52 6.02
N GLY B 78 -4.39 -8.91 5.08
CA GLY B 78 -4.45 -8.25 3.80
C GLY B 78 -4.97 -6.83 3.86
N HIS B 79 -5.68 -6.50 4.95
CA HIS B 79 -6.24 -5.17 5.14
C HIS B 79 -5.18 -4.15 5.56
N ILE B 80 -4.01 -4.63 5.97
CA ILE B 80 -2.88 -3.75 6.25
C ILE B 80 -2.09 -3.70 4.95
N PRO B 81 -2.32 -2.66 4.13
CA PRO B 81 -1.83 -2.70 2.75
C PRO B 81 -0.32 -2.62 2.62
N GLU B 82 0.36 -2.10 3.65
CA GLU B 82 1.82 -1.91 3.58
C GLU B 82 2.59 -3.19 3.86
N LEU B 83 1.93 -4.21 4.40
CA LEU B 83 2.63 -5.46 4.69
C LEU B 83 3.02 -6.19 3.40
N GLY B 84 4.26 -6.69 3.37
CA GLY B 84 4.63 -7.65 2.36
C GLY B 84 4.23 -9.04 2.85
N LEU B 85 3.65 -9.86 1.97
CA LEU B 85 3.14 -11.16 2.41
C LEU B 85 3.68 -12.28 1.54
N SER B 86 4.21 -13.29 2.19
CA SER B 86 4.73 -14.48 1.53
C SER B 86 3.93 -15.65 2.06
N ALA B 87 3.13 -16.26 1.17
CA ALA B 87 2.26 -17.35 1.56
C ALA B 87 2.68 -18.67 0.92
N GLU B 88 2.23 -19.77 1.52
CA GLU B 88 2.52 -21.11 1.02
C GLU B 88 3.98 -21.28 0.67
N HIS B 89 4.83 -20.97 1.66
CA HIS B 89 6.28 -21.10 1.54
C HIS B 89 6.82 -20.48 0.26
N GLY B 90 6.46 -19.24 0.01
CA GLY B 90 7.05 -18.48 -1.07
C GLY B 90 6.44 -18.65 -2.45
N CYS B 91 5.34 -19.41 -2.55
CA CYS B 91 4.68 -19.62 -3.84
C CYS B 91 3.89 -18.40 -4.29
N PHE B 92 3.31 -17.70 -3.33
CA PHE B 92 2.49 -16.53 -3.61
C PHE B 92 3.03 -15.35 -2.84
N ILE B 93 3.31 -14.25 -3.54
CA ILE B 93 3.85 -13.07 -2.90
C ILE B 93 2.88 -11.91 -3.08
N ARG B 94 2.73 -11.09 -2.06
CA ARG B 94 2.11 -9.79 -2.24
C ARG B 94 3.05 -8.70 -1.77
N GLN B 95 3.53 -7.91 -2.72
CA GLN B 95 4.43 -6.81 -2.41
C GLN B 95 3.73 -5.77 -1.54
N PRO B 96 4.50 -5.12 -0.65
CA PRO B 96 3.98 -4.01 0.14
C PRO B 96 3.28 -3.01 -0.76
N ARG B 97 2.04 -2.69 -0.45
CA ARG B 97 1.25 -1.62 -1.09
C ARG B 97 0.76 -1.97 -2.48
N SER B 98 0.49 -3.25 -2.72
CA SER B 98 0.01 -3.71 -4.03
C SER B 98 -1.24 -4.56 -3.92
N ASP B 99 -2.02 -4.60 -4.99
CA ASP B 99 -3.26 -5.38 -5.01
C ASP B 99 -3.01 -6.78 -5.56
N ASP B 100 -1.94 -6.92 -6.34
CA ASP B 100 -1.70 -8.17 -7.05
C ASP B 100 -0.85 -9.16 -6.25
N TRP B 101 -1.25 -10.43 -6.30
CA TRP B 101 -0.43 -11.51 -5.79
C TRP B 101 0.38 -12.10 -6.92
N GLU B 102 1.70 -11.97 -6.86
CA GLU B 102 2.55 -12.67 -7.81
C GLU B 102 2.47 -14.16 -7.53
N ASN B 103 2.43 -14.96 -8.59
CA ASN B 103 2.51 -16.41 -8.47
C ASN B 103 3.86 -16.90 -8.98
N LEU B 104 4.81 -17.07 -8.07
CA LEU B 104 6.16 -17.46 -8.43
C LEU B 104 6.19 -18.83 -9.08
N ALA B 105 5.19 -19.64 -8.76
CA ALA B 105 5.12 -21.00 -9.28
C ALA B 105 4.69 -21.04 -10.74
N GLU B 106 3.55 -20.42 -11.04
CA GLU B 106 3.00 -20.47 -12.40
C GLU B 106 3.73 -19.53 -13.34
N SER B 107 4.74 -18.82 -12.85
CA SER B 107 5.61 -18.01 -13.69
C SER B 107 7.04 -18.56 -13.70
N SER B 108 7.23 -19.72 -13.08
CA SER B 108 8.53 -20.38 -13.09
C SER B 108 8.48 -21.63 -13.94
N ASP B 109 9.65 -22.13 -14.33
CA ASP B 109 9.72 -23.32 -15.16
C ASP B 109 9.60 -24.56 -14.28
N MET B 110 8.44 -25.22 -14.37
CA MET B 110 8.14 -26.39 -13.55
C MET B 110 8.40 -27.71 -14.29
N GLY B 111 9.23 -27.65 -15.33
CA GLY B 111 9.50 -28.79 -16.16
C GLY B 111 10.38 -29.85 -15.52
N TRP B 112 11.03 -29.48 -14.42
CA TRP B 112 11.86 -30.41 -13.67
C TRP B 112 11.01 -31.52 -13.08
N GLN B 113 9.72 -31.27 -12.91
CA GLN B 113 8.87 -32.23 -12.22
C GLN B 113 8.74 -33.54 -13.00
N LYS B 114 8.81 -33.47 -14.33
CA LYS B 114 8.60 -34.68 -15.12
C LYS B 114 9.74 -35.65 -14.92
N GLU B 115 10.96 -35.13 -14.92
CA GLU B 115 12.14 -35.93 -14.70
C GLU B 115 12.24 -36.42 -13.25
N VAL B 116 11.82 -35.59 -12.29
CA VAL B 116 11.81 -36.05 -10.89
C VAL B 116 10.74 -37.14 -10.68
N MET B 117 9.60 -37.04 -11.35
CA MET B 117 8.58 -38.09 -11.20
C MET B 117 9.06 -39.41 -11.79
N GLU B 118 9.93 -39.35 -12.81
CA GLU B 118 10.48 -40.57 -13.41
C GLU B 118 11.44 -41.29 -12.47
N VAL B 119 12.30 -40.50 -11.83
CA VAL B 119 13.26 -41.02 -10.87
C VAL B 119 12.56 -41.58 -9.63
N PHE B 120 11.63 -40.81 -9.05
CA PHE B 120 10.90 -41.27 -7.88
C PHE B 120 10.08 -42.55 -8.13
N GLN B 121 9.44 -42.61 -9.28
CA GLN B 121 8.60 -43.74 -9.61
C GLN B 121 9.46 -45.01 -9.72
N HIS B 122 10.63 -44.84 -10.34
CA HIS B 122 11.62 -45.90 -10.45
C HIS B 122 11.98 -46.47 -9.06
N PHE B 123 12.31 -45.59 -8.12
CA PHE B 123 12.68 -46.10 -6.81
C PHE B 123 11.47 -46.55 -6.01
N THR B 124 10.30 -45.99 -6.32
CA THR B 124 9.08 -46.42 -5.64
C THR B 124 8.80 -47.92 -5.93
N GLU B 125 8.95 -48.32 -7.18
CA GLU B 125 8.74 -49.70 -7.58
C GLU B 125 9.73 -50.64 -6.94
N ARG B 126 10.86 -50.11 -6.47
CA ARG B 126 11.92 -50.98 -5.95
C ARG B 126 12.03 -50.87 -4.45
N THR B 127 11.11 -50.15 -3.83
CA THR B 127 11.17 -49.94 -2.39
C THR B 127 9.77 -50.11 -1.80
N GLN B 128 9.48 -51.31 -1.28
CA GLN B 128 8.12 -51.63 -0.84
C GLN B 128 7.69 -50.71 0.31
N GLY B 129 6.45 -50.25 0.23
CA GLY B 129 5.92 -49.31 1.21
C GLY B 129 6.22 -47.84 0.95
N SER B 130 7.15 -47.56 0.05
CA SER B 130 7.46 -46.17 -0.31
C SER B 130 6.38 -45.59 -1.21
N PHE B 131 6.30 -44.26 -1.29
CA PHE B 131 5.31 -43.63 -2.16
C PHE B 131 5.65 -42.17 -2.40
N ILE B 132 5.01 -41.60 -3.41
CA ILE B 132 5.27 -40.23 -3.78
C ILE B 132 4.16 -39.31 -3.27
N GLU B 133 4.53 -38.16 -2.72
CA GLU B 133 3.57 -37.13 -2.31
C GLU B 133 3.80 -35.90 -3.17
N ARG B 134 2.77 -35.44 -3.87
CA ARG B 134 2.89 -34.23 -4.69
C ARG B 134 2.23 -33.05 -4.01
N LYS B 135 3.05 -32.07 -3.64
CA LYS B 135 2.61 -30.85 -3.01
C LYS B 135 2.37 -29.78 -4.05
N ARG B 136 2.16 -28.55 -3.61
CA ARG B 136 1.86 -27.48 -4.54
C ARG B 136 2.97 -27.23 -5.55
N VAL B 137 4.22 -27.15 -5.10
CA VAL B 137 5.36 -27.13 -6.03
C VAL B 137 6.43 -28.15 -5.67
N ALA B 138 6.30 -28.78 -4.52
CA ALA B 138 7.28 -29.78 -4.08
C ALA B 138 6.89 -31.19 -4.52
N LEU B 139 7.88 -32.04 -4.76
CA LEU B 139 7.63 -33.47 -4.92
C LEU B 139 8.40 -34.21 -3.83
N THR B 140 7.71 -35.07 -3.09
CA THR B 140 8.35 -35.79 -1.98
C THR B 140 8.24 -37.30 -2.13
N TRP B 141 9.36 -37.99 -1.93
CA TRP B 141 9.39 -39.45 -1.98
C TRP B 141 9.55 -39.99 -0.55
N HIS B 142 8.50 -40.64 -0.05
CA HIS B 142 8.46 -41.10 1.35
C HIS B 142 8.87 -42.54 1.44
N TYR B 143 9.80 -42.87 2.35
CA TYR B 143 10.18 -44.28 2.48
C TYR B 143 10.29 -44.79 3.93
N ARG B 144 9.50 -44.20 4.82
CA ARG B 144 9.50 -44.58 6.23
C ARG B 144 9.15 -46.05 6.51
N ARG B 145 8.27 -46.62 5.68
CA ARG B 145 7.75 -47.98 5.89
C ARG B 145 8.78 -49.07 5.56
N ALA B 146 9.80 -48.70 4.79
CA ALA B 146 10.78 -49.68 4.33
C ALA B 146 11.83 -49.99 5.39
N ASP B 147 12.42 -51.17 5.29
CA ASP B 147 13.58 -51.52 6.11
C ASP B 147 14.61 -50.40 6.01
N PRO B 148 15.04 -49.87 7.16
CA PRO B 148 15.82 -48.64 7.23
C PRO B 148 17.11 -48.72 6.43
N GLU B 149 17.83 -49.84 6.49
CA GLU B 149 19.06 -49.92 5.72
C GLU B 149 18.79 -50.02 4.22
N TYR B 150 17.75 -50.75 3.85
CA TYR B 150 17.41 -50.89 2.43
C TYR B 150 16.86 -49.60 1.86
N GLY B 151 15.97 -48.95 2.60
CA GLY B 151 15.43 -47.66 2.20
C GLY B 151 16.52 -46.61 2.04
N ALA B 152 17.52 -46.63 2.93
CA ALA B 152 18.60 -45.66 2.87
C ALA B 152 19.49 -45.97 1.70
N PHE B 153 19.73 -47.27 1.49
CA PHE B 153 20.45 -47.75 0.33
C PHE B 153 19.82 -47.19 -0.93
N GLN B 154 18.51 -47.32 -1.03
CA GLN B 154 17.80 -46.86 -2.22
C GLN B 154 17.80 -45.34 -2.29
N ALA B 155 17.59 -44.67 -1.16
CA ALA B 155 17.58 -43.20 -1.14
C ALA B 155 18.94 -42.59 -1.56
N ARG B 156 20.04 -43.21 -1.12
CA ARG B 156 21.38 -42.73 -1.54
C ARG B 156 21.50 -42.75 -3.05
N GLU B 157 21.07 -43.85 -3.66
CA GLU B 157 21.11 -43.93 -5.13
C GLU B 157 20.16 -42.94 -5.80
N CYS B 158 18.98 -42.78 -5.23
CA CYS B 158 17.99 -41.84 -5.74
C CYS B 158 18.55 -40.42 -5.71
N ARG B 159 19.13 -40.06 -4.57
CA ARG B 159 19.72 -38.74 -4.41
C ARG B 159 20.81 -38.48 -5.45
N LYS B 160 21.62 -39.50 -5.69
CA LYS B 160 22.72 -39.40 -6.63
C LYS B 160 22.19 -39.14 -8.03
N MET B 161 21.10 -39.81 -8.37
CA MET B 161 20.50 -39.70 -9.70
C MET B 161 19.84 -38.33 -9.89
N LEU B 162 19.27 -37.78 -8.83
CA LEU B 162 18.62 -36.48 -8.89
C LEU B 162 19.63 -35.35 -9.07
N GLU B 163 20.67 -35.37 -8.24
CA GLU B 163 21.67 -34.30 -8.24
C GLU B 163 22.60 -34.37 -9.47
N GLU B 164 22.52 -35.46 -10.22
CA GLU B 164 23.26 -35.59 -11.46
C GLU B 164 22.49 -35.07 -12.66
N THR B 165 21.16 -35.03 -12.55
CA THR B 165 20.33 -34.61 -13.67
C THR B 165 19.51 -33.35 -13.38
N VAL B 166 18.42 -33.52 -12.64
CA VAL B 166 17.46 -32.44 -12.41
C VAL B 166 18.05 -31.24 -11.69
N ALA B 167 18.91 -31.50 -10.70
CA ALA B 167 19.48 -30.43 -9.89
C ALA B 167 20.35 -29.51 -10.75
N LYS B 168 21.06 -30.08 -11.71
CA LYS B 168 21.89 -29.27 -12.59
C LYS B 168 21.12 -28.35 -13.51
N ARG B 169 20.07 -28.90 -14.12
CA ARG B 169 19.25 -28.17 -15.08
C ARG B 169 18.39 -27.04 -14.55
N TRP B 170 17.85 -27.21 -13.35
CA TRP B 170 16.83 -26.32 -12.83
C TRP B 170 17.16 -25.73 -11.47
N GLU B 171 16.57 -24.60 -11.17
CA GLU B 171 16.71 -23.96 -9.86
C GLU B 171 15.84 -24.68 -8.83
N VAL B 172 16.21 -25.92 -8.55
CA VAL B 172 15.56 -26.69 -7.50
C VAL B 172 16.62 -27.15 -6.54
N GLU B 173 16.20 -27.63 -5.38
CA GLU B 173 17.11 -28.19 -4.41
C GLU B 173 16.57 -29.53 -3.93
N VAL B 174 17.48 -30.45 -3.63
CA VAL B 174 17.13 -31.75 -3.12
C VAL B 174 17.32 -31.78 -1.61
N MET B 175 16.24 -32.03 -0.88
CA MET B 175 16.27 -32.02 0.58
C MET B 175 16.03 -33.42 1.14
N ALA B 176 16.85 -33.80 2.11
CA ALA B 176 16.61 -35.04 2.86
C ALA B 176 15.85 -34.76 4.15
N GLY B 177 14.74 -35.46 4.35
CA GLY B 177 13.98 -35.38 5.57
C GLY B 177 14.28 -36.63 6.35
N LYS B 178 13.46 -36.94 7.36
CA LYS B 178 13.74 -38.07 8.23
C LYS B 178 13.86 -39.36 7.42
N ALA B 179 12.75 -39.82 6.86
CA ALA B 179 12.81 -40.89 5.89
C ALA B 179 12.10 -40.48 4.59
N ASN B 180 12.55 -39.38 4.01
CA ASN B 180 12.07 -38.96 2.70
C ASN B 180 13.11 -38.13 1.95
N LEU B 181 12.92 -38.01 0.64
CA LEU B 181 13.65 -37.08 -0.22
C LEU B 181 12.67 -36.13 -0.82
N GLU B 182 13.00 -34.85 -0.82
CA GLU B 182 12.11 -33.87 -1.40
C GLU B 182 12.86 -33.02 -2.42
N VAL B 183 12.21 -32.70 -3.53
CA VAL B 183 12.78 -31.78 -4.50
C VAL B 183 11.83 -30.61 -4.59
N ARG B 184 12.38 -29.40 -4.56
CA ARG B 184 11.53 -28.22 -4.50
C ARG B 184 12.26 -27.02 -5.08
N PRO B 185 11.52 -26.03 -5.61
CA PRO B 185 12.19 -24.84 -6.14
C PRO B 185 12.98 -24.13 -5.04
N THR B 186 14.10 -23.50 -5.39
CA THR B 186 14.90 -22.75 -4.42
C THR B 186 14.14 -21.58 -3.76
N PHE B 187 13.06 -21.11 -4.40
CA PHE B 187 12.36 -19.96 -3.82
C PHE B 187 11.50 -20.33 -2.60
N VAL B 188 11.41 -21.63 -2.29
CA VAL B 188 10.69 -22.13 -1.12
C VAL B 188 11.52 -21.91 0.14
N ASN B 189 12.83 -21.89 -0.02
CA ASN B 189 13.73 -21.81 1.10
C ASN B 189 13.66 -20.43 1.77
N LYS B 190 13.46 -20.41 3.10
CA LYS B 190 13.36 -19.12 3.79
C LYS B 190 14.67 -18.33 3.70
N GLY B 191 15.79 -19.04 3.56
CA GLY B 191 17.07 -18.39 3.30
C GLY B 191 17.07 -17.63 1.98
N PHE B 192 16.52 -18.26 0.93
CA PHE B 192 16.39 -17.60 -0.38
C PHE B 192 15.58 -16.30 -0.29
N ILE B 193 14.47 -16.38 0.42
CA ILE B 193 13.56 -15.27 0.56
C ILE B 193 14.24 -14.10 1.27
N ALA B 194 14.89 -14.38 2.40
CA ALA B 194 15.57 -13.33 3.16
C ALA B 194 16.69 -12.67 2.34
N ALA B 195 17.50 -13.50 1.69
CA ALA B 195 18.60 -12.96 0.91
C ALA B 195 18.09 -12.06 -0.22
N ARG B 196 16.98 -12.46 -0.85
CA ARG B 196 16.43 -11.70 -1.96
C ARG B 196 15.82 -10.37 -1.50
N LEU B 197 15.24 -10.37 -0.31
CA LEU B 197 14.67 -9.15 0.26
C LEU B 197 15.75 -8.10 0.48
N VAL B 198 16.90 -8.56 0.94
CA VAL B 198 18.03 -7.68 1.13
C VAL B 198 18.59 -7.25 -0.24
N GLN B 199 18.76 -8.21 -1.15
CA GLN B 199 19.31 -7.91 -2.48
C GLN B 199 18.46 -6.95 -3.31
N GLU B 200 17.15 -6.89 -3.06
CA GLU B 200 16.31 -6.08 -3.94
C GLU B 200 16.34 -4.59 -3.55
N TYR B 201 17.15 -4.24 -2.55
CA TYR B 201 17.46 -2.81 -2.29
C TYR B 201 18.49 -2.32 -3.32
N GLY B 202 19.12 -3.25 -4.03
CA GLY B 202 20.07 -2.91 -5.08
C GLY B 202 21.50 -2.95 -4.59
N THR B 203 22.42 -2.52 -5.47
CA THR B 203 23.87 -2.62 -5.22
C THR B 203 24.50 -1.41 -4.50
N ASP B 204 23.73 -0.33 -4.31
CA ASP B 204 24.29 0.85 -3.64
C ASP B 204 24.23 0.67 -2.14
N PRO B 205 25.39 0.66 -1.48
CA PRO B 205 25.40 0.53 -0.01
C PRO B 205 24.62 1.64 0.69
N ALA B 206 24.50 2.82 0.07
CA ALA B 206 23.73 3.93 0.65
C ALA B 206 22.23 3.63 0.77
N GLN B 207 21.77 2.69 -0.04
CA GLN B 207 20.35 2.33 -0.09
C GLN B 207 20.02 1.08 0.74
N ALA B 208 21.05 0.46 1.34
CA ALA B 208 20.86 -0.73 2.17
C ALA B 208 20.10 -0.41 3.44
N PRO B 209 19.26 -1.35 3.91
CA PRO B 209 18.65 -1.12 5.22
C PRO B 209 19.76 -1.14 6.28
N GLU B 210 19.66 -0.27 7.27
CA GLU B 210 20.64 -0.25 8.37
C GLU B 210 20.09 -0.88 9.65
N PHE B 211 18.88 -1.42 9.57
CA PHE B 211 18.28 -2.14 10.69
C PHE B 211 17.51 -3.30 10.07
N VAL B 212 17.92 -4.53 10.40
CA VAL B 212 17.22 -5.72 9.95
C VAL B 212 16.83 -6.53 11.18
N LEU B 213 15.55 -6.84 11.33
CA LEU B 213 15.06 -7.65 12.44
C LEU B 213 14.42 -8.91 11.86
N CYS B 214 15.01 -10.05 12.16
CA CYS B 214 14.56 -11.33 11.61
C CYS B 214 14.21 -12.29 12.73
N LEU B 215 12.98 -12.80 12.75
CA LEU B 215 12.48 -13.56 13.89
C LEU B 215 11.87 -14.85 13.41
N GLY B 216 12.19 -15.94 14.08
CA GLY B 216 11.65 -17.24 13.72
C GLY B 216 11.79 -18.22 14.87
N ASP B 217 11.06 -19.31 14.83
CA ASP B 217 10.99 -20.18 16.00
C ASP B 217 11.50 -21.59 15.76
N ASP B 218 11.68 -22.02 14.52
CA ASP B 218 12.11 -23.39 14.28
C ASP B 218 13.17 -23.64 13.22
N PHE B 219 13.30 -24.90 12.85
CA PHE B 219 14.27 -25.39 11.86
C PHE B 219 14.29 -24.56 10.61
N THR B 220 13.12 -24.26 10.10
CA THR B 220 13.01 -23.59 8.84
C THR B 220 13.54 -22.17 8.89
N ASP B 221 13.51 -21.54 10.05
CA ASP B 221 13.96 -20.16 10.15
C ASP B 221 15.48 -20.07 10.28
N GLU B 222 16.11 -21.19 10.62
CA GLU B 222 17.56 -21.21 10.75
C GLU B 222 18.18 -20.84 9.42
N ASP B 223 17.50 -21.20 8.33
CA ASP B 223 17.95 -20.84 6.98
C ASP B 223 18.08 -19.33 6.84
N MET B 224 17.09 -18.62 7.36
CA MET B 224 17.08 -17.16 7.38
C MET B 224 18.25 -16.58 8.15
N PHE B 225 18.50 -17.09 9.36
CA PHE B 225 19.57 -16.55 10.20
C PHE B 225 20.93 -16.76 9.50
N ARG B 226 21.07 -17.90 8.84
CA ARG B 226 22.34 -18.20 8.15
C ARG B 226 22.52 -17.37 6.88
N ALA B 227 21.43 -17.11 6.16
CA ALA B 227 21.53 -16.29 4.97
C ALA B 227 21.94 -14.86 5.29
N LEU B 228 21.44 -14.32 6.40
CA LEU B 228 21.77 -12.93 6.75
C LEU B 228 23.23 -12.80 7.18
N LYS B 229 23.82 -13.90 7.66
CA LYS B 229 25.25 -13.88 8.01
C LYS B 229 26.12 -13.66 6.78
N LYS B 230 25.59 -14.03 5.62
CA LYS B 230 26.31 -13.90 4.35
C LYS B 230 25.86 -12.69 3.54
N SER B 231 25.02 -11.84 4.12
CA SER B 231 24.35 -10.77 3.36
C SER B 231 25.29 -9.62 2.97
N GLY B 232 26.35 -9.44 3.74
CA GLY B 232 27.29 -8.35 3.49
C GLY B 232 26.98 -7.10 4.31
N LEU B 233 25.92 -7.16 5.10
CA LEU B 233 25.55 -6.05 5.97
C LEU B 233 26.42 -6.06 7.23
N PRO B 234 26.83 -4.87 7.70
CA PRO B 234 27.56 -4.71 8.98
C PRO B 234 26.82 -5.38 10.14
N ALA B 235 27.51 -6.20 10.92
CA ALA B 235 26.87 -7.08 11.91
C ALA B 235 25.93 -6.36 12.89
N GLY B 236 26.31 -5.15 13.32
CA GLY B 236 25.48 -4.39 14.26
C GLY B 236 24.21 -3.85 13.61
N HIS B 237 24.05 -4.08 12.32
CA HIS B 237 22.83 -3.68 11.61
C HIS B 237 21.79 -4.80 11.60
N VAL B 238 22.23 -6.02 11.86
CA VAL B 238 21.37 -7.20 11.75
C VAL B 238 21.04 -7.80 13.10
N PHE B 239 19.74 -8.01 13.34
CA PHE B 239 19.28 -8.68 14.54
C PHE B 239 18.51 -9.96 14.22
N SER B 240 19.23 -11.08 14.25
CA SER B 240 18.63 -12.38 14.05
C SER B 240 18.23 -12.96 15.40
N VAL B 241 16.96 -13.32 15.54
CA VAL B 241 16.40 -13.62 16.84
C VAL B 241 15.52 -14.86 16.78
N THR B 242 15.87 -15.88 17.55
CA THR B 242 15.05 -17.07 17.62
C THR B 242 14.08 -16.99 18.79
N VAL B 243 12.94 -17.63 18.66
CA VAL B 243 11.95 -17.68 19.74
C VAL B 243 12.06 -19.04 20.40
N GLY B 244 12.54 -19.05 21.65
CA GLY B 244 12.66 -20.28 22.41
C GLY B 244 13.54 -20.09 23.63
N ALA B 245 14.09 -21.20 24.12
CA ALA B 245 14.85 -21.18 25.37
C ALA B 245 16.22 -20.52 25.22
N SER B 246 16.73 -20.02 26.33
CA SER B 246 18.11 -19.55 26.39
C SER B 246 19.06 -20.67 25.95
N SER B 247 18.62 -21.91 26.11
CA SER B 247 19.42 -23.12 25.88
C SER B 247 19.51 -23.56 24.42
N LYS B 248 18.47 -23.24 23.66
CA LYS B 248 18.32 -23.65 22.27
C LYS B 248 19.52 -23.32 21.37
N GLN B 249 20.11 -24.34 20.72
CA GLN B 249 21.18 -24.09 19.76
C GLN B 249 20.58 -23.44 18.50
N THR B 250 21.27 -22.45 17.94
CA THR B 250 20.69 -21.69 16.85
C THR B 250 21.74 -20.89 16.11
N GLU B 251 21.46 -20.61 14.83
CA GLU B 251 22.27 -19.67 14.07
C GLU B 251 21.96 -18.20 14.42
N ALA B 252 20.88 -17.97 15.16
CA ALA B 252 20.52 -16.60 15.60
C ALA B 252 21.51 -16.07 16.63
N SER B 253 21.60 -14.74 16.75
CA SER B 253 22.48 -14.10 17.74
C SER B 253 21.81 -13.83 19.09
N TRP B 254 20.48 -13.84 19.09
CA TRP B 254 19.67 -13.47 20.27
C TRP B 254 18.49 -14.41 20.43
N HIS B 255 17.84 -14.42 21.60
CA HIS B 255 16.58 -15.14 21.74
C HIS B 255 15.51 -14.31 22.48
N LEU B 256 14.26 -14.69 22.24
CA LEU B 256 13.11 -14.22 23.00
C LEU B 256 12.32 -15.47 23.38
N LEU B 257 11.78 -15.50 24.61
CA LEU B 257 11.19 -16.73 25.15
C LEU B 257 9.90 -17.19 24.46
N GLU B 258 9.00 -16.25 24.16
CA GLU B 258 7.65 -16.56 23.68
C GLU B 258 7.14 -15.50 22.70
N PRO B 259 6.12 -15.85 21.88
CA PRO B 259 5.48 -14.86 20.99
C PRO B 259 4.97 -13.60 21.70
N ALA B 260 4.56 -13.72 22.96
CA ALA B 260 4.18 -12.52 23.69
C ALA B 260 5.38 -11.56 23.87
N ASP B 261 6.59 -12.11 23.96
CA ASP B 261 7.80 -11.29 24.07
C ASP B 261 8.19 -10.66 22.75
N VAL B 262 7.85 -11.36 21.66
CA VAL B 262 8.06 -10.80 20.33
C VAL B 262 7.14 -9.59 20.15
N ILE B 263 5.86 -9.77 20.45
CA ILE B 263 4.88 -8.70 20.27
C ILE B 263 5.24 -7.55 21.20
N GLY B 264 5.66 -7.89 22.41
CA GLY B 264 6.13 -6.90 23.38
C GLY B 264 7.27 -6.08 22.85
N THR B 265 8.21 -6.73 22.17
CA THR B 265 9.36 -6.03 21.58
C THR B 265 9.00 -5.04 20.48
N ILE B 266 8.14 -5.47 19.55
CA ILE B 266 7.72 -4.59 18.46
C ILE B 266 6.94 -3.42 19.04
N SER B 267 6.18 -3.70 20.10
CA SER B 267 5.43 -2.65 20.80
C SER B 267 6.36 -1.58 21.35
N MET B 268 7.48 -2.02 21.91
CA MET B 268 8.50 -1.08 22.37
C MET B 268 8.94 -0.18 21.23
N LEU B 269 9.27 -0.77 20.10
CA LEU B 269 9.72 0.00 18.95
C LEU B 269 8.63 1.00 18.51
N ASN B 270 7.38 0.56 18.43
CA ASN B 270 6.27 1.44 18.05
C ASN B 270 6.13 2.64 19.00
N ASN B 271 6.32 2.39 20.29
CA ASN B 271 6.10 3.39 21.33
C ASN B 271 7.27 4.32 21.55
N SER B 272 8.33 4.14 20.77
CA SER B 272 9.49 5.01 20.84
C SER B 272 9.28 6.24 19.97
N SER B 273 8.41 6.10 18.97
CA SER B 273 8.01 7.21 18.12
C SER B 273 7.35 8.32 18.94
#